data_2R8B
#
_entry.id   2R8B
#
_cell.length_a   58.904
_cell.length_b   58.727
_cell.length_c   165.155
_cell.angle_alpha   90.00
_cell.angle_beta   90.00
_cell.angle_gamma   90.00
#
_symmetry.space_group_name_H-M   'P 21 21 21'
#
loop_
_entity.id
_entity.type
_entity.pdbx_description
1 polymer 'Uncharacterized protein Atu2452'
2 non-polymer 'SULFATE ION'
3 water water
#
_entity_poly.entity_id   1
_entity_poly.type   'polypeptide(L)'
_entity_poly.pdbx_seq_one_letter_code
;GH(MSE)PRPSLRRGEETSGARSLHEIAPPAEKAVRKPLNLLPFRKDTP(MSE)TKDSYFHKSRAGVAGAPLFVLLHGTG
GDENQFFDFGARLLPQATILSPVGDVSEHGAARFFRRTGEGVYD(MSE)VDLERATGK(MSE)ADFIKANREHYQAGPVI
GLGFSNGANILANVLIEQPELFDAAVL(MSE)HPLIPFEPKISPAKPTRRVLITAGERDPICPVQLTKALEESLKAQGGT
VETVWHPGGHEIRSGEIDAVRGFLAAYGGGS
;
_entity_poly.pdbx_strand_id   A,B
#
# COMPACT_ATOMS: atom_id res chain seq x y z
N PRO A 45 21.23 -8.07 28.46
CA PRO A 45 19.85 -7.73 28.87
C PRO A 45 19.18 -8.77 29.80
N THR A 47 14.75 -10.11 30.44
CA THR A 47 13.68 -10.34 29.44
C THR A 47 12.59 -9.25 29.26
N LYS A 48 12.10 -8.71 30.37
CA LYS A 48 11.27 -7.49 30.39
C LYS A 48 12.06 -6.22 30.06
N ASP A 49 13.37 -6.31 30.15
CA ASP A 49 14.27 -5.25 29.74
C ASP A 49 14.69 -5.38 28.28
N SER A 50 13.94 -6.14 27.49
CA SER A 50 14.45 -6.54 26.16
C SER A 50 14.54 -5.37 25.18
N TYR A 51 13.68 -4.38 25.35
CA TYR A 51 13.84 -3.12 24.66
C TYR A 51 14.30 -2.15 25.72
N PHE A 52 15.10 -1.19 25.28
CA PHE A 52 15.34 0.01 26.05
C PHE A 52 14.02 0.74 26.12
N HIS A 53 13.67 1.27 27.28
CA HIS A 53 12.35 1.89 27.37
C HIS A 53 12.23 2.84 28.55
N LYS A 54 11.30 3.77 28.48
CA LYS A 54 10.84 4.43 29.71
C LYS A 54 9.80 3.56 30.45
N SER A 55 9.71 3.68 31.78
CA SER A 55 8.62 3.07 32.55
C SER A 55 8.13 3.90 33.73
N ARG A 56 6.84 3.78 34.05
CA ARG A 56 6.27 4.40 35.24
C ARG A 56 5.41 3.33 35.92
N ALA A 57 5.93 2.79 37.03
CA ALA A 57 5.25 1.73 37.80
C ALA A 57 3.85 2.19 38.23
N GLY A 58 2.83 1.42 37.86
CA GLY A 58 1.46 1.72 38.27
C GLY A 58 0.98 0.85 39.42
N VAL A 59 -0.30 1.06 39.78
CA VAL A 59 -0.96 0.25 40.78
C VAL A 59 -1.21 -1.19 40.29
N ALA A 60 -0.99 -2.16 41.18
CA ALA A 60 -1.27 -3.57 40.92
C ALA A 60 -2.76 -3.84 40.50
N GLY A 61 -2.95 -4.39 39.32
CA GLY A 61 -4.32 -4.69 38.91
C GLY A 61 -4.80 -3.68 37.88
N ALA A 62 -4.11 -2.55 37.86
CA ALA A 62 -4.34 -1.52 36.87
C ALA A 62 -3.68 -1.89 35.52
N PRO A 63 -4.16 -1.28 34.41
CA PRO A 63 -3.66 -1.63 33.09
C PRO A 63 -2.15 -1.52 32.96
N LEU A 64 -1.60 -2.34 32.06
CA LEU A 64 -0.30 -2.20 31.45
C LEU A 64 -0.52 -1.38 30.17
N PHE A 65 0.00 -0.17 30.14
CA PHE A 65 -0.20 0.65 28.98
C PHE A 65 1.09 0.68 28.20
N VAL A 66 1.13 0.04 27.05
CA VAL A 66 2.33 0.11 26.22
C VAL A 66 2.08 1.01 25.02
N LEU A 67 3.04 1.90 24.74
CA LEU A 67 2.88 2.91 23.68
C LEU A 67 4.08 2.89 22.80
N LEU A 68 3.82 2.90 21.51
CA LEU A 68 4.81 2.63 20.51
C LEU A 68 4.91 3.78 19.48
N HIS A 69 6.05 4.47 19.49
CA HIS A 69 6.27 5.67 18.68
C HIS A 69 6.23 5.36 17.18
N GLY A 70 6.07 6.41 16.36
CA GLY A 70 6.18 6.28 14.92
C GLY A 70 7.65 6.20 14.52
N THR A 71 7.88 5.94 13.24
CA THR A 71 9.20 6.03 12.66
C THR A 71 9.81 7.40 13.03
N GLY A 72 11.06 7.39 13.51
CA GLY A 72 11.76 8.62 13.77
C GLY A 72 11.58 9.13 15.18
N GLY A 73 10.57 8.64 15.89
CA GLY A 73 10.33 9.03 17.28
C GLY A 73 11.20 8.26 18.25
N ASP A 74 10.77 8.17 19.51
CA ASP A 74 11.47 7.37 20.53
C ASP A 74 10.62 7.17 21.80
N GLU A 75 11.27 6.83 22.92
CA GLU A 75 10.57 6.47 24.17
C GLU A 75 9.88 7.65 24.85
N ASN A 76 10.31 8.87 24.54
CA ASN A 76 9.63 10.04 25.10
C ASN A 76 8.48 10.61 24.29
N GLN A 77 8.39 10.25 23.01
CA GLN A 77 7.24 10.65 22.20
C GLN A 77 5.95 10.47 22.98
N PHE A 78 5.64 9.22 23.32
CA PHE A 78 4.34 8.93 23.90
C PHE A 78 4.19 8.75 25.41
N PHE A 79 5.30 8.78 26.15
CA PHE A 79 5.30 8.54 27.58
C PHE A 79 4.33 9.41 28.37
N ASP A 80 4.49 10.74 28.39
CA ASP A 80 3.66 11.51 29.33
C ASP A 80 2.29 11.64 28.76
N PHE A 81 2.21 11.58 27.43
CA PHE A 81 0.92 11.56 26.79
C PHE A 81 -0.01 10.51 27.40
N GLY A 82 0.50 9.28 27.48
CA GLY A 82 -0.17 8.18 28.17
C GLY A 82 -0.04 8.12 29.71
N ALA A 83 0.81 8.92 30.32
CA ALA A 83 0.77 8.98 31.79
C ALA A 83 -0.46 9.79 32.19
N ARG A 84 -0.60 10.91 31.48
CA ARG A 84 -1.74 11.80 31.51
C ARG A 84 -3.01 11.00 31.18
N LEU A 85 -2.95 10.05 30.26
CA LEU A 85 -4.17 9.37 29.90
C LEU A 85 -4.71 8.37 30.92
N LEU A 86 -3.84 7.57 31.51
CA LEU A 86 -4.30 6.56 32.45
C LEU A 86 -3.51 6.77 33.73
N PRO A 87 -4.08 7.61 34.59
CA PRO A 87 -3.34 8.32 35.59
C PRO A 87 -2.59 7.30 36.44
N GLN A 88 -3.06 6.06 36.43
CA GLN A 88 -2.51 5.10 37.36
C GLN A 88 -2.25 3.75 36.74
N ALA A 89 -2.20 3.73 35.41
CA ALA A 89 -1.82 2.54 34.69
C ALA A 89 -0.34 2.43 34.90
N THR A 90 0.19 1.22 34.84
CA THR A 90 1.63 1.09 34.77
C THR A 90 1.99 1.36 33.33
N ILE A 91 3.00 2.21 33.09
CA ILE A 91 3.22 2.74 31.74
C ILE A 91 4.55 2.42 31.17
N LEU A 92 4.52 1.97 29.94
CA LEU A 92 5.67 1.36 29.39
C LEU A 92 5.92 1.88 27.98
N SER A 93 7.10 2.44 27.72
CA SER A 93 7.30 3.08 26.41
C SER A 93 8.72 2.85 25.87
N PRO A 94 8.85 1.89 24.95
CA PRO A 94 10.13 1.48 24.40
C PRO A 94 10.51 2.28 23.17
N VAL A 95 11.81 2.40 22.96
CA VAL A 95 12.36 2.87 21.68
C VAL A 95 12.55 1.65 20.81
N GLY A 96 12.15 1.71 19.54
CA GLY A 96 12.36 0.59 18.62
C GLY A 96 13.81 0.17 18.41
N ASP A 97 14.01 -1.06 17.93
CA ASP A 97 15.32 -1.65 17.90
C ASP A 97 15.94 -1.67 16.52
N VAL A 98 15.28 -1.04 15.55
CA VAL A 98 15.86 -0.91 14.22
C VAL A 98 16.16 0.56 14.00
N SER A 99 17.31 0.88 13.42
CA SER A 99 17.63 2.26 13.14
C SER A 99 17.75 2.42 11.62
N GLU A 100 16.99 3.33 11.01
CA GLU A 100 17.00 3.50 9.55
C GLU A 100 17.86 4.70 9.12
N HIS A 101 19.16 4.45 8.89
CA HIS A 101 20.24 5.45 9.09
C HIS A 101 19.72 6.60 9.96
N GLY A 102 19.78 6.45 11.28
CA GLY A 102 19.25 7.47 12.17
C GLY A 102 17.88 7.15 12.78
N ALA A 103 16.82 7.28 11.99
CA ALA A 103 15.44 7.11 12.51
C ALA A 103 15.11 5.70 13.08
N ALA A 104 14.71 5.66 14.34
CA ALA A 104 14.40 4.39 14.98
C ALA A 104 12.99 3.88 14.60
N ARG A 105 12.87 2.56 14.41
CA ARG A 105 11.57 1.91 14.14
C ARG A 105 11.53 0.55 14.77
N PHE A 106 10.35 -0.08 14.74
CA PHE A 106 10.15 -1.36 15.36
C PHE A 106 10.36 -2.62 14.50
N PHE A 107 10.64 -2.47 13.20
CA PHE A 107 10.92 -3.62 12.29
C PHE A 107 11.32 -3.09 10.95
N ARG A 108 11.94 -3.92 10.13
CA ARG A 108 12.59 -3.43 8.93
C ARG A 108 11.73 -3.40 7.68
N ARG A 109 11.81 -2.30 6.95
CA ARG A 109 11.34 -2.25 5.57
C ARG A 109 12.56 -2.35 4.69
N THR A 110 12.40 -2.98 3.55
CA THR A 110 13.45 -2.90 2.56
C THR A 110 13.57 -1.41 2.12
N GLY A 111 14.69 -1.07 1.47
CA GLY A 111 14.80 0.22 0.75
C GLY A 111 13.58 0.35 -0.15
N GLU A 112 13.09 1.58 -0.34
CA GLU A 112 11.86 1.77 -1.12
C GLU A 112 10.62 1.14 -0.47
N GLY A 113 10.77 0.76 0.81
CA GLY A 113 9.65 0.72 1.73
C GLY A 113 8.81 -0.50 2.01
N VAL A 114 9.15 -1.65 1.44
CA VAL A 114 8.26 -2.84 1.64
C VAL A 114 8.65 -3.61 2.90
N TYR A 115 7.67 -3.96 3.74
CA TYR A 115 7.98 -4.64 5.00
C TYR A 115 8.75 -5.95 4.88
N ASP A 116 9.79 -6.07 5.71
CA ASP A 116 10.51 -7.32 5.90
C ASP A 116 9.68 -8.23 6.82
N VAL A 118 10.19 -11.52 7.81
CA VAL A 118 10.97 -12.22 8.86
C VAL A 118 11.27 -11.28 10.03
N ASP A 119 11.66 -10.04 9.73
CA ASP A 119 11.93 -9.11 10.82
C ASP A 119 10.67 -8.74 11.56
N LEU A 120 9.58 -8.57 10.86
CA LEU A 120 8.31 -8.30 11.51
C LEU A 120 7.88 -9.43 12.44
N GLU A 121 8.05 -10.67 12.00
CA GLU A 121 7.74 -11.80 12.84
C GLU A 121 8.69 -11.84 14.04
N ARG A 122 9.98 -11.56 13.79
CA ARG A 122 10.95 -11.47 14.90
C ARG A 122 10.50 -10.48 15.98
N ALA A 123 10.03 -9.31 15.53
CA ALA A 123 9.74 -8.16 16.40
C ALA A 123 8.43 -8.35 17.13
N THR A 124 7.51 -9.02 16.45
CA THR A 124 6.21 -9.35 17.02
C THR A 124 6.42 -10.30 18.18
N GLY A 125 7.26 -11.31 17.98
CA GLY A 125 7.65 -12.23 19.02
C GLY A 125 8.38 -11.59 20.17
N LYS A 126 9.19 -10.56 19.89
CA LYS A 126 9.92 -9.81 20.94
C LYS A 126 8.95 -8.97 21.77
N ALA A 128 5.58 -9.23 22.11
CA ALA A 128 4.73 -10.09 22.90
C ALA A 128 5.42 -10.44 24.23
N ASP A 129 6.65 -10.96 24.15
CA ASP A 129 7.37 -11.43 25.32
C ASP A 129 7.59 -10.32 26.33
N PHE A 130 8.09 -9.20 25.81
CA PHE A 130 8.34 -7.98 26.52
C PHE A 130 7.08 -7.60 27.27
N ILE A 131 5.96 -7.50 26.57
CA ILE A 131 4.70 -7.21 27.24
C ILE A 131 4.31 -8.26 28.33
N LYS A 132 4.21 -9.55 28.01
CA LYS A 132 3.95 -10.60 29.01
C LYS A 132 4.89 -10.52 30.25
N ALA A 133 6.16 -10.21 29.99
CA ALA A 133 7.19 -10.21 31.03
C ALA A 133 6.99 -9.02 31.97
N ASN A 134 6.55 -7.89 31.45
CA ASN A 134 6.26 -6.71 32.29
C ASN A 134 4.95 -6.81 33.04
N ARG A 135 3.92 -7.34 32.38
CA ARG A 135 2.75 -7.88 33.05
C ARG A 135 3.16 -8.59 34.36
N GLU A 136 4.02 -9.59 34.31
CA GLU A 136 4.49 -10.26 35.53
C GLU A 136 5.10 -9.25 36.48
N HIS A 137 6.12 -8.54 36.02
CA HIS A 137 6.92 -7.71 36.88
C HIS A 137 6.10 -6.74 37.72
N TYR A 138 5.26 -5.95 37.05
CA TYR A 138 4.37 -4.96 37.73
C TYR A 138 3.03 -5.50 38.27
N GLN A 139 2.74 -6.77 37.96
CA GLN A 139 1.51 -7.44 38.41
C GLN A 139 0.31 -6.64 37.90
N ALA A 140 0.43 -6.24 36.64
CA ALA A 140 -0.54 -5.41 35.94
C ALA A 140 -1.74 -6.27 35.58
N GLY A 141 -2.83 -5.61 35.22
CA GLY A 141 -4.09 -6.25 34.80
C GLY A 141 -4.34 -6.21 33.30
N PRO A 142 -5.31 -5.39 32.84
CA PRO A 142 -5.56 -5.33 31.38
C PRO A 142 -4.32 -4.87 30.60
N VAL A 143 -4.10 -5.37 29.37
CA VAL A 143 -3.06 -4.73 28.55
C VAL A 143 -3.69 -3.86 27.50
N ILE A 144 -3.17 -2.65 27.45
CA ILE A 144 -3.66 -1.67 26.53
C ILE A 144 -2.47 -1.18 25.77
N GLY A 145 -2.68 -0.90 24.49
CA GLY A 145 -1.62 -0.41 23.65
C GLY A 145 -2.14 0.70 22.81
N LEU A 146 -1.20 1.53 22.43
CA LEU A 146 -1.46 2.65 21.55
C LEU A 146 -0.22 2.80 20.69
N GLY A 147 -0.42 2.96 19.39
CA GLY A 147 0.69 3.09 18.45
C GLY A 147 0.34 4.07 17.38
N PHE A 148 1.37 4.74 16.87
CA PHE A 148 1.21 5.67 15.75
C PHE A 148 2.01 5.16 14.59
N SER A 149 1.33 4.94 13.45
CA SER A 149 2.00 4.61 12.18
C SER A 149 2.82 3.31 12.38
N ASN A 150 4.16 3.39 12.29
CA ASN A 150 5.03 2.21 12.46
C ASN A 150 4.80 1.44 13.75
N GLY A 151 4.42 2.18 14.79
CA GLY A 151 4.10 1.61 16.07
C GLY A 151 2.71 0.99 16.08
N ALA A 152 1.72 1.57 15.37
CA ALA A 152 0.42 0.92 15.29
C ALA A 152 0.57 -0.38 14.49
N ASN A 153 1.61 -0.42 13.66
CA ASN A 153 1.79 -1.54 12.75
C ASN A 153 2.31 -2.77 13.46
N ILE A 154 3.26 -2.58 14.38
CA ILE A 154 3.79 -3.69 15.18
C ILE A 154 2.68 -4.13 16.16
N LEU A 155 1.89 -3.16 16.56
CA LEU A 155 0.85 -3.44 17.54
C LEU A 155 -0.27 -4.19 16.85
N ALA A 156 -0.66 -3.75 15.66
CA ALA A 156 -1.63 -4.47 14.88
C ALA A 156 -1.20 -5.92 14.69
N ASN A 157 0.04 -6.18 14.27
CA ASN A 157 0.49 -7.59 14.06
C ASN A 157 0.40 -8.41 15.38
N VAL A 158 0.67 -7.78 16.52
CA VAL A 158 0.48 -8.49 17.78
C VAL A 158 -0.99 -8.89 17.98
N LEU A 159 -1.90 -7.93 17.79
CA LEU A 159 -3.34 -8.21 17.77
C LEU A 159 -3.72 -9.41 16.91
N ILE A 160 -2.99 -9.58 15.80
CA ILE A 160 -3.19 -10.69 14.88
C ILE A 160 -2.55 -11.99 15.32
N GLU A 161 -1.34 -11.94 15.86
CA GLU A 161 -0.59 -13.18 16.13
C GLU A 161 -0.85 -13.71 17.53
N GLN A 162 -1.19 -12.79 18.45
CA GLN A 162 -1.51 -13.14 19.83
C GLN A 162 -2.87 -12.56 20.09
N PRO A 163 -3.89 -13.12 19.42
CA PRO A 163 -5.14 -12.37 19.45
C PRO A 163 -5.67 -12.19 20.89
N GLU A 164 -5.16 -12.97 21.83
CA GLU A 164 -5.71 -12.98 23.16
C GLU A 164 -4.91 -12.20 24.19
N LEU A 165 -3.86 -11.53 23.75
CA LEU A 165 -3.07 -10.70 24.67
C LEU A 165 -3.72 -9.35 25.06
N PHE A 166 -4.13 -8.55 24.11
CA PHE A 166 -4.67 -7.22 24.36
C PHE A 166 -6.14 -7.12 24.68
N ASP A 167 -6.44 -6.20 25.60
CA ASP A 167 -7.79 -5.86 25.92
C ASP A 167 -8.25 -4.68 25.13
N ALA A 168 -7.38 -3.69 25.00
CA ALA A 168 -7.72 -2.52 24.20
C ALA A 168 -6.53 -2.07 23.36
N ALA A 169 -6.80 -1.54 22.19
CA ALA A 169 -5.70 -1.05 21.39
C ALA A 169 -6.09 0.18 20.61
N VAL A 170 -5.22 1.19 20.56
CA VAL A 170 -5.55 2.22 19.62
C VAL A 170 -4.53 2.28 18.52
N LEU A 171 -5.00 2.18 17.28
CA LEU A 171 -4.09 2.21 16.15
C LEU A 171 -4.16 3.54 15.44
N HIS A 173 -3.25 5.63 12.46
CA HIS A 173 -2.75 5.59 11.12
C HIS A 173 -1.94 4.31 10.95
N PRO A 174 -2.59 3.14 11.06
CA PRO A 174 -1.94 1.89 10.70
C PRO A 174 -1.83 1.72 9.19
N LEU A 175 -0.98 0.79 8.77
CA LEU A 175 -0.80 0.40 7.36
C LEU A 175 -0.55 -1.09 7.44
N ILE A 176 -1.51 -1.92 7.07
CA ILE A 176 -1.21 -3.36 6.98
C ILE A 176 -1.51 -3.79 5.57
N PRO A 177 -0.47 -4.27 4.84
CA PRO A 177 -0.47 -4.61 3.38
C PRO A 177 -0.94 -6.00 3.00
N PHE A 178 -0.91 -6.89 3.97
CA PHE A 178 -1.15 -8.29 3.70
C PHE A 178 -2.53 -8.60 4.26
N GLU A 179 -3.03 -9.80 4.03
CA GLU A 179 -4.33 -10.18 4.58
C GLU A 179 -4.04 -11.15 5.70
N PRO A 180 -4.42 -10.73 6.91
CA PRO A 180 -4.23 -11.43 8.15
C PRO A 180 -5.06 -12.68 8.16
N LYS A 181 -4.45 -13.76 8.64
CA LYS A 181 -5.21 -14.97 8.92
C LYS A 181 -5.86 -14.64 10.25
N ILE A 182 -7.09 -15.13 10.42
CA ILE A 182 -7.96 -14.63 11.47
C ILE A 182 -8.06 -15.63 12.60
N SER A 183 -7.65 -15.23 13.79
CA SER A 183 -7.84 -16.07 14.91
C SER A 183 -8.67 -15.28 15.93
N PRO A 184 -9.53 -15.97 16.72
CA PRO A 184 -10.43 -15.20 17.58
C PRO A 184 -9.75 -14.53 18.79
N ALA A 185 -10.14 -13.27 19.03
CA ALA A 185 -9.75 -12.47 20.21
C ALA A 185 -10.74 -12.68 21.36
N LYS A 186 -10.56 -11.93 22.45
CA LYS A 186 -11.48 -11.97 23.60
C LYS A 186 -12.65 -11.04 23.33
N PRO A 187 -13.89 -11.47 23.66
CA PRO A 187 -15.10 -10.71 23.31
C PRO A 187 -15.06 -9.27 23.84
N THR A 188 -14.18 -9.04 24.82
CA THR A 188 -14.06 -7.75 25.46
C THR A 188 -13.02 -6.88 24.77
N ARG A 189 -12.27 -7.43 23.82
CA ARG A 189 -11.28 -6.61 23.12
C ARG A 189 -11.99 -5.40 22.57
N ARG A 190 -11.34 -4.26 22.67
CA ARG A 190 -11.86 -3.07 22.04
C ARG A 190 -10.73 -2.47 21.26
N VAL A 191 -10.97 -2.21 19.97
CA VAL A 191 -10.02 -1.42 19.23
C VAL A 191 -10.52 -0.15 18.55
N LEU A 192 -9.64 0.86 18.62
CA LEU A 192 -9.84 2.15 17.96
C LEU A 192 -8.84 2.36 16.82
N ILE A 193 -9.34 2.58 15.62
CA ILE A 193 -8.47 3.00 14.54
C ILE A 193 -8.75 4.46 14.19
N THR A 194 -7.69 5.26 14.10
CA THR A 194 -7.84 6.64 13.68
C THR A 194 -7.08 6.75 12.39
N ALA A 195 -7.63 7.47 11.44
CA ALA A 195 -7.03 7.47 10.12
C ALA A 195 -7.31 8.71 9.24
N GLY A 196 -6.46 8.93 8.25
CA GLY A 196 -6.66 10.10 7.42
C GLY A 196 -7.25 9.60 6.12
N GLU A 197 -8.15 10.34 5.54
CA GLU A 197 -8.55 9.80 4.29
C GLU A 197 -7.68 10.20 3.08
N ARG A 198 -6.70 11.10 3.26
CA ARG A 198 -5.77 11.46 2.16
C ARG A 198 -4.32 11.31 2.56
N ASP A 199 -4.14 10.28 3.36
CA ASP A 199 -2.91 9.94 3.98
C ASP A 199 -2.11 9.23 2.91
N PRO A 200 -1.00 9.85 2.48
CA PRO A 200 -0.34 9.24 1.33
C PRO A 200 0.33 7.93 1.78
N ILE A 201 0.47 7.71 3.08
CA ILE A 201 1.10 6.51 3.55
C ILE A 201 0.09 5.38 3.84
N CYS A 202 -1.18 5.75 4.06
CA CYS A 202 -2.16 4.77 4.49
C CYS A 202 -3.35 4.81 3.61
N PRO A 203 -3.33 4.00 2.56
CA PRO A 203 -4.44 3.86 1.64
C PRO A 203 -5.69 3.54 2.41
N VAL A 204 -6.76 4.23 2.06
CA VAL A 204 -8.07 4.10 2.67
C VAL A 204 -8.53 2.65 2.71
N GLN A 205 -8.42 2.02 1.56
CA GLN A 205 -8.88 0.66 1.43
C GLN A 205 -8.12 -0.27 2.34
N LEU A 206 -6.86 0.04 2.64
CA LEU A 206 -6.14 -0.90 3.49
C LEU A 206 -6.54 -0.72 4.92
N THR A 207 -6.80 0.53 5.34
CA THR A 207 -7.36 0.78 6.67
C THR A 207 -8.73 0.12 6.81
N LYS A 208 -9.56 0.30 5.79
CA LYS A 208 -10.94 -0.15 5.78
C LYS A 208 -10.85 -1.66 5.95
N ALA A 209 -9.83 -2.25 5.34
CA ALA A 209 -9.68 -3.71 5.33
C ALA A 209 -9.08 -4.26 6.61
N LEU A 210 -8.07 -3.61 7.13
CA LEU A 210 -7.57 -3.98 8.46
C LEU A 210 -8.75 -3.98 9.49
N GLU A 211 -9.53 -2.90 9.46
CA GLU A 211 -10.78 -2.79 10.20
C GLU A 211 -11.65 -4.02 10.22
N GLU A 212 -11.97 -4.50 9.04
CA GLU A 212 -12.78 -5.70 8.92
C GLU A 212 -12.07 -6.91 9.41
N SER A 213 -10.76 -6.97 9.22
CA SER A 213 -10.00 -8.12 9.71
C SER A 213 -10.07 -8.24 11.22
N LEU A 214 -9.71 -7.17 11.91
CA LEU A 214 -9.82 -7.13 13.37
C LEU A 214 -11.25 -7.40 13.86
N LYS A 215 -12.19 -6.85 13.10
CA LYS A 215 -13.58 -6.93 13.46
C LYS A 215 -14.01 -8.38 13.43
N ALA A 216 -13.31 -9.18 12.63
CA ALA A 216 -13.67 -10.60 12.49
C ALA A 216 -13.07 -11.44 13.62
N GLN A 217 -12.10 -10.90 14.34
CA GLN A 217 -11.48 -11.65 15.43
C GLN A 217 -12.41 -11.67 16.60
N GLY A 218 -13.34 -10.71 16.63
CA GLY A 218 -14.27 -10.52 17.74
C GLY A 218 -13.99 -9.20 18.45
N GLY A 219 -14.76 -8.89 19.49
CA GLY A 219 -14.59 -7.61 20.20
C GLY A 219 -15.23 -6.49 19.40
N THR A 220 -14.95 -5.23 19.74
CA THR A 220 -15.43 -4.12 18.92
C THR A 220 -14.25 -3.51 18.21
N VAL A 221 -14.57 -2.79 17.13
CA VAL A 221 -13.62 -2.01 16.37
C VAL A 221 -14.34 -0.75 15.96
N GLU A 222 -13.70 0.37 16.15
CA GLU A 222 -14.27 1.63 15.74
C GLU A 222 -13.22 2.35 14.94
N THR A 223 -13.58 2.93 13.81
CA THR A 223 -12.63 3.75 13.08
C THR A 223 -13.11 5.18 13.06
N VAL A 224 -12.23 6.11 13.39
CA VAL A 224 -12.56 7.52 13.34
C VAL A 224 -11.71 8.09 12.22
N TRP A 225 -12.34 8.68 11.21
CA TRP A 225 -11.62 9.23 10.06
C TRP A 225 -11.45 10.72 10.18
N HIS A 226 -10.54 11.30 9.44
CA HIS A 226 -10.59 12.74 9.19
C HIS A 226 -10.22 12.89 7.74
N PRO A 227 -10.58 14.04 7.11
CA PRO A 227 -10.05 14.26 5.76
C PRO A 227 -8.56 14.47 6.05
N GLY A 228 -7.70 14.74 5.10
CA GLY A 228 -6.32 15.00 5.63
C GLY A 228 -5.40 13.79 5.69
N GLY A 229 -4.16 14.01 6.12
CA GLY A 229 -3.03 13.18 5.73
C GLY A 229 -2.62 12.25 6.84
N HIS A 230 -1.30 12.07 6.97
CA HIS A 230 -0.67 11.24 8.01
C HIS A 230 -0.64 11.92 9.38
N GLU A 231 -1.00 13.20 9.42
CA GLU A 231 -1.01 13.95 10.67
C GLU A 231 -2.08 13.44 11.62
N ILE A 232 -1.74 13.45 12.91
CA ILE A 232 -2.71 13.27 13.98
C ILE A 232 -3.47 14.59 14.17
N ARG A 233 -4.81 14.59 13.95
CA ARG A 233 -5.66 15.75 14.30
C ARG A 233 -6.11 15.75 15.77
N SER A 234 -6.41 16.96 16.28
CA SER A 234 -6.85 17.09 17.64
C SER A 234 -8.08 16.23 17.83
N GLY A 235 -8.90 16.12 16.77
CA GLY A 235 -10.04 15.20 16.77
C GLY A 235 -9.71 13.75 17.08
N GLU A 236 -8.58 13.26 16.57
CA GLU A 236 -8.09 11.88 16.92
C GLU A 236 -7.79 11.78 18.42
N ILE A 237 -7.19 12.82 18.98
CA ILE A 237 -6.80 12.74 20.36
C ILE A 237 -8.06 12.70 21.19
N ASP A 238 -9.10 13.41 20.76
CA ASP A 238 -10.38 13.36 21.45
C ASP A 238 -10.93 11.97 21.52
N ALA A 239 -11.06 11.35 20.38
CA ALA A 239 -11.56 10.00 20.29
C ALA A 239 -10.70 9.05 21.16
N VAL A 240 -9.39 9.31 21.24
CA VAL A 240 -8.53 8.52 22.09
C VAL A 240 -8.97 8.68 23.54
N ARG A 241 -9.19 9.92 23.95
CA ARG A 241 -9.60 10.21 25.31
C ARG A 241 -10.94 9.60 25.66
N GLY A 242 -11.93 9.80 24.80
CA GLY A 242 -13.23 9.13 24.98
C GLY A 242 -13.10 7.61 24.99
N PHE A 243 -12.23 7.04 24.16
CA PHE A 243 -12.11 5.58 24.04
C PHE A 243 -11.52 4.94 25.30
N LEU A 244 -10.38 5.44 25.78
CA LEU A 244 -9.72 4.88 26.95
C LEU A 244 -10.33 5.27 28.28
N ALA A 245 -11.35 6.14 28.25
CA ALA A 245 -11.98 6.58 29.52
C ALA A 245 -12.67 5.40 30.20
N ALA A 246 -13.03 4.38 29.44
CA ALA A 246 -13.63 3.17 30.00
C ALA A 246 -12.66 2.41 30.88
N TYR A 247 -11.37 2.71 30.77
CA TYR A 247 -10.33 1.90 31.44
C TYR A 247 -9.79 2.56 32.71
N GLY A 248 -10.18 3.83 32.94
CA GLY A 248 -9.64 4.63 34.05
C GLY A 248 -8.85 5.85 33.59
N PRO B 45 13.81 18.72 -29.16
CA PRO B 45 13.45 17.28 -29.05
C PRO B 45 11.95 16.99 -29.32
N THR B 47 7.87 16.37 -30.23
CA THR B 47 6.96 15.87 -29.17
C THR B 47 6.56 14.36 -29.14
N LYS B 48 6.64 13.69 -30.29
CA LYS B 48 6.49 12.22 -30.34
C LYS B 48 7.77 11.46 -29.98
N ASP B 49 8.92 12.11 -30.06
CA ASP B 49 10.15 11.57 -29.48
C ASP B 49 10.32 12.10 -28.07
N SER B 50 9.20 12.58 -27.52
CA SER B 50 9.06 12.98 -26.14
C SER B 50 9.91 12.06 -25.25
N TYR B 51 9.74 10.74 -25.36
CA TYR B 51 10.59 9.77 -24.68
C TYR B 51 11.47 9.12 -25.71
N PHE B 52 12.64 8.70 -25.25
CA PHE B 52 13.46 7.75 -25.97
C PHE B 52 12.70 6.44 -26.05
N HIS B 53 12.62 5.85 -27.22
CA HIS B 53 11.78 4.67 -27.34
C HIS B 53 12.18 3.70 -28.45
N LYS B 54 11.82 2.43 -28.31
CA LYS B 54 11.75 1.60 -29.50
C LYS B 54 10.39 1.75 -30.23
N SER B 55 10.38 1.35 -31.50
CA SER B 55 9.42 1.79 -32.46
C SER B 55 9.37 0.76 -33.60
N ARG B 56 8.22 0.13 -33.82
CA ARG B 56 7.97 -0.62 -35.09
C ARG B 56 6.72 -0.05 -35.75
N ALA B 57 6.88 0.50 -36.95
CA ALA B 57 5.81 1.15 -37.68
C ALA B 57 4.78 0.13 -38.15
N GLY B 58 3.51 0.25 -37.73
CA GLY B 58 2.48 -0.67 -38.22
C GLY B 58 1.61 -0.16 -39.36
N VAL B 59 0.70 -1.03 -39.82
CA VAL B 59 -0.31 -0.68 -40.82
C VAL B 59 -1.17 0.50 -40.36
N ALA B 60 -1.42 1.47 -41.23
CA ALA B 60 -2.38 2.55 -40.96
C ALA B 60 -3.80 2.01 -40.60
N GLY B 61 -4.35 2.39 -39.47
CA GLY B 61 -5.66 1.87 -39.09
C GLY B 61 -5.55 0.82 -37.99
N ALA B 62 -4.40 0.14 -37.97
CA ALA B 62 -4.10 -0.85 -36.95
C ALA B 62 -3.85 -0.20 -35.60
N PRO B 63 -3.97 -1.00 -34.53
CA PRO B 63 -3.79 -0.44 -33.20
C PRO B 63 -2.43 0.24 -33.03
N LEU B 64 -2.36 1.15 -32.07
CA LEU B 64 -1.12 1.68 -31.56
C LEU B 64 -0.94 0.96 -30.25
N PHE B 65 0.16 0.24 -30.13
CA PHE B 65 0.34 -0.61 -28.98
C PHE B 65 1.52 -0.11 -28.17
N VAL B 66 1.25 0.54 -27.04
CA VAL B 66 2.33 1.04 -26.18
C VAL B 66 2.50 0.12 -24.99
N LEU B 67 3.75 -0.29 -24.74
CA LEU B 67 4.06 -1.19 -23.64
C LEU B 67 5.10 -0.51 -22.80
N LEU B 68 4.93 -0.63 -21.48
CA LEU B 68 5.63 0.14 -20.48
C LEU B 68 6.29 -0.79 -19.49
N HIS B 69 7.61 -0.82 -19.47
CA HIS B 69 8.36 -1.75 -18.66
C HIS B 69 8.16 -1.53 -17.13
N GLY B 70 8.65 -2.47 -16.31
CA GLY B 70 8.65 -2.34 -14.87
C GLY B 70 9.89 -1.56 -14.48
N THR B 71 10.02 -1.25 -13.19
CA THR B 71 11.25 -0.67 -12.63
C THR B 71 12.45 -1.53 -13.05
N GLY B 72 13.56 -0.88 -13.40
CA GLY B 72 14.78 -1.58 -13.72
C GLY B 72 14.85 -2.01 -15.17
N GLY B 73 13.68 -2.22 -15.79
CA GLY B 73 13.59 -2.64 -17.19
C GLY B 73 13.95 -1.54 -18.17
N ASP B 74 13.62 -1.78 -19.44
CA ASP B 74 13.82 -0.79 -20.49
C ASP B 74 12.87 -0.94 -21.69
N GLU B 75 13.23 -0.24 -22.77
CA GLU B 75 12.41 -0.22 -23.96
C GLU B 75 12.54 -1.51 -24.75
N ASN B 76 13.47 -2.35 -24.31
CA ASN B 76 13.58 -3.68 -24.87
C ASN B 76 12.82 -4.80 -24.18
N GLN B 77 12.47 -4.59 -22.92
CA GLN B 77 11.76 -5.61 -22.21
C GLN B 77 10.58 -6.09 -23.02
N PHE B 78 9.68 -5.17 -23.36
CA PHE B 78 8.41 -5.59 -23.89
C PHE B 78 8.17 -5.47 -25.40
N PHE B 79 9.15 -4.96 -26.14
CA PHE B 79 9.01 -4.69 -27.58
C PHE B 79 8.70 -5.95 -28.39
N ASP B 80 9.65 -6.89 -28.43
CA ASP B 80 9.42 -8.17 -29.08
C ASP B 80 8.15 -8.81 -28.60
N PHE B 81 7.95 -8.77 -27.29
CA PHE B 81 6.82 -9.41 -26.70
C PHE B 81 5.51 -8.93 -27.34
N GLY B 82 5.36 -7.60 -27.38
CA GLY B 82 4.24 -6.93 -28.04
C GLY B 82 4.17 -7.10 -29.56
N ALA B 83 5.28 -6.92 -30.26
CA ALA B 83 5.29 -7.09 -31.71
C ALA B 83 4.69 -8.42 -32.20
N ARG B 84 5.08 -9.51 -31.54
CA ARG B 84 4.59 -10.84 -31.92
C ARG B 84 3.21 -11.11 -31.26
N LEU B 85 2.69 -10.14 -30.51
CA LEU B 85 1.34 -10.26 -30.01
C LEU B 85 0.31 -9.60 -30.94
N LEU B 86 0.68 -8.52 -31.60
CA LEU B 86 -0.21 -7.79 -32.50
C LEU B 86 0.57 -7.49 -33.76
N PRO B 87 0.62 -8.49 -34.64
CA PRO B 87 1.63 -8.51 -35.68
C PRO B 87 1.55 -7.30 -36.62
N GLN B 88 0.51 -6.50 -36.47
CA GLN B 88 0.28 -5.45 -37.45
C GLN B 88 0.28 -4.10 -36.80
N ALA B 89 0.19 -4.06 -35.48
CA ALA B 89 0.09 -2.81 -34.75
C ALA B 89 1.38 -2.05 -34.89
N THR B 90 1.27 -0.74 -34.85
CA THR B 90 2.41 0.10 -34.57
C THR B 90 2.81 -0.20 -33.14
N ILE B 91 4.07 -0.53 -32.89
CA ILE B 91 4.54 -0.87 -31.53
C ILE B 91 5.40 0.23 -30.98
N LEU B 92 5.05 0.75 -29.83
CA LEU B 92 5.80 1.82 -29.22
C LEU B 92 6.31 1.40 -27.87
N SER B 93 7.59 1.45 -27.63
CA SER B 93 8.05 0.95 -26.36
C SER B 93 9.15 1.84 -25.78
N PRO B 94 8.79 2.77 -24.87
CA PRO B 94 9.77 3.70 -24.32
C PRO B 94 10.45 3.19 -23.04
N VAL B 95 11.66 3.72 -22.76
CA VAL B 95 12.28 3.71 -21.39
C VAL B 95 11.74 4.91 -20.62
N GLY B 96 11.46 4.72 -19.32
CA GLY B 96 11.05 5.83 -18.47
C GLY B 96 12.13 6.89 -18.26
N ASP B 97 11.69 8.10 -17.95
CA ASP B 97 12.57 9.24 -17.84
C ASP B 97 13.05 9.52 -16.42
N VAL B 98 12.76 8.62 -15.49
CA VAL B 98 13.25 8.77 -14.12
C VAL B 98 14.25 7.67 -13.87
N SER B 99 15.31 7.98 -13.14
CA SER B 99 16.37 7.04 -13.00
C SER B 99 16.74 6.86 -11.55
N GLU B 100 16.00 6.07 -10.77
CA GLU B 100 16.38 5.92 -9.37
C GLU B 100 17.50 4.89 -9.19
N HIS B 101 18.63 5.41 -8.69
CA HIS B 101 19.98 4.80 -8.79
C HIS B 101 20.19 3.80 -9.91
N GLY B 102 20.56 4.30 -11.09
CA GLY B 102 20.64 3.44 -12.29
C GLY B 102 19.33 2.91 -12.88
N ALA B 103 18.42 2.38 -12.04
CA ALA B 103 17.18 1.74 -12.54
C ALA B 103 16.12 2.73 -13.11
N ALA B 104 15.59 2.40 -14.28
CA ALA B 104 14.71 3.33 -15.00
C ALA B 104 13.27 3.19 -14.55
N ARG B 105 12.59 4.31 -14.39
CA ARG B 105 11.19 4.31 -13.92
C ARG B 105 10.41 5.31 -14.73
N PHE B 106 9.08 5.20 -14.68
CA PHE B 106 8.22 6.21 -15.33
C PHE B 106 7.81 7.47 -14.50
N PHE B 107 8.03 7.44 -13.18
CA PHE B 107 7.73 8.57 -12.27
C PHE B 107 8.44 8.39 -10.91
N ARG B 108 8.71 9.49 -10.23
CA ARG B 108 9.44 9.42 -8.94
C ARG B 108 8.59 8.84 -7.78
N ARG B 109 9.27 8.13 -6.89
CA ARG B 109 8.75 7.76 -5.58
C ARG B 109 9.84 8.14 -4.60
N THR B 110 9.47 8.62 -3.44
CA THR B 110 10.42 9.06 -2.41
C THR B 110 11.21 7.87 -1.81
N GLY B 111 12.23 8.18 -1.00
CA GLY B 111 13.06 7.18 -0.28
C GLY B 111 12.31 6.00 0.35
N GLU B 112 11.23 6.30 1.10
CA GLU B 112 10.40 5.27 1.74
C GLU B 112 9.50 4.54 0.71
N GLY B 113 9.62 4.92 -0.57
CA GLY B 113 8.89 4.26 -1.67
C GLY B 113 7.48 4.75 -1.93
N VAL B 114 7.12 5.92 -1.39
CA VAL B 114 5.76 6.49 -1.61
C VAL B 114 5.71 7.33 -2.88
N TYR B 115 4.62 7.22 -3.63
CA TYR B 115 4.51 7.93 -4.93
C TYR B 115 4.59 9.45 -4.81
N ASP B 116 5.50 10.01 -5.61
CA ASP B 116 5.64 11.45 -5.82
C ASP B 116 4.50 11.92 -6.73
N VAL B 118 3.29 14.84 -7.64
CA VAL B 118 3.57 15.90 -8.61
C VAL B 118 4.27 15.32 -9.80
N ASP B 119 5.28 14.47 -9.57
CA ASP B 119 5.97 13.87 -10.71
C ASP B 119 5.06 12.92 -11.50
N LEU B 120 4.17 12.21 -10.81
CA LEU B 120 3.22 11.34 -11.47
C LEU B 120 2.30 12.12 -12.40
N GLU B 121 1.84 13.27 -11.95
CA GLU B 121 0.99 14.09 -12.76
C GLU B 121 1.75 14.62 -13.98
N ARG B 122 3.00 15.02 -13.77
CA ARG B 122 3.87 15.42 -14.87
C ARG B 122 3.99 14.31 -15.90
N ALA B 123 4.31 13.10 -15.43
CA ALA B 123 4.60 11.96 -16.31
C ALA B 123 3.36 11.45 -17.02
N THR B 124 2.22 11.68 -16.42
CA THR B 124 0.95 11.33 -17.04
C THR B 124 0.66 12.26 -18.21
N GLY B 125 1.11 13.52 -18.11
CA GLY B 125 0.95 14.49 -19.18
C GLY B 125 1.89 14.20 -20.32
N LYS B 126 3.12 13.73 -20.02
CA LYS B 126 4.12 13.39 -21.05
C LYS B 126 3.56 12.23 -21.84
N ALA B 128 0.38 10.90 -22.15
CA ALA B 128 -0.80 11.25 -22.91
C ALA B 128 -0.39 11.87 -24.24
N ASP B 129 0.55 12.80 -24.18
CA ASP B 129 0.93 13.63 -25.31
C ASP B 129 1.75 12.83 -26.31
N PHE B 130 2.72 12.09 -25.75
CA PHE B 130 3.62 11.21 -26.46
C PHE B 130 2.75 10.27 -27.26
N ILE B 131 1.83 9.61 -26.59
CA ILE B 131 0.91 8.68 -27.25
C ILE B 131 0.05 9.36 -28.32
N LYS B 132 -0.62 10.46 -28.02
CA LYS B 132 -1.42 11.13 -29.03
C LYS B 132 -0.58 11.54 -30.24
N ALA B 133 0.62 12.05 -29.95
CA ALA B 133 1.49 12.56 -31.02
C ALA B 133 1.86 11.40 -31.95
N ASN B 134 2.11 10.20 -31.41
CA ASN B 134 2.51 9.01 -32.21
C ASN B 134 1.35 8.40 -32.93
N ARG B 135 0.22 8.24 -32.23
CA ARG B 135 -1.02 7.88 -32.88
C ARG B 135 -1.14 8.65 -34.19
N GLU B 136 -0.98 9.95 -34.11
CA GLU B 136 -1.13 10.81 -35.25
C GLU B 136 -0.08 10.45 -36.29
N HIS B 137 1.19 10.41 -35.90
CA HIS B 137 2.30 10.22 -36.82
C HIS B 137 2.15 8.94 -37.65
N TYR B 138 1.85 7.83 -36.99
CA TYR B 138 1.62 6.55 -37.67
C TYR B 138 0.21 6.32 -38.23
N GLN B 139 -0.69 7.25 -37.94
CA GLN B 139 -2.10 7.19 -38.39
C GLN B 139 -2.75 5.89 -37.92
N ALA B 140 -2.50 5.64 -36.64
CA ALA B 140 -2.97 4.47 -35.94
C ALA B 140 -4.45 4.63 -35.56
N GLY B 141 -4.99 3.51 -35.08
CA GLY B 141 -6.40 3.35 -34.77
C GLY B 141 -6.57 3.16 -33.29
N PRO B 142 -6.97 1.94 -32.86
CA PRO B 142 -7.21 1.73 -31.42
C PRO B 142 -5.92 1.92 -30.63
N VAL B 143 -6.02 2.54 -29.46
CA VAL B 143 -4.83 2.72 -28.65
C VAL B 143 -4.89 1.67 -27.59
N ILE B 144 -3.86 0.86 -27.54
CA ILE B 144 -3.80 -0.27 -26.62
C ILE B 144 -2.54 -0.21 -25.77
N GLY B 145 -2.68 -0.43 -24.45
CA GLY B 145 -1.54 -0.37 -23.56
C GLY B 145 -1.32 -1.64 -22.81
N LEU B 146 -0.07 -1.89 -22.49
CA LEU B 146 0.28 -2.96 -21.58
C LEU B 146 1.41 -2.49 -20.69
N GLY B 147 1.27 -2.68 -19.39
CA GLY B 147 2.32 -2.25 -18.47
C GLY B 147 2.51 -3.28 -17.39
N PHE B 148 3.75 -3.39 -16.92
CA PHE B 148 4.04 -4.25 -15.78
C PHE B 148 4.45 -3.40 -14.60
N SER B 149 3.76 -3.59 -13.45
CA SER B 149 4.14 -2.98 -12.16
C SER B 149 4.29 -1.46 -12.34
N ASN B 150 5.52 -0.89 -12.27
CA ASN B 150 5.64 0.57 -12.43
C ASN B 150 4.98 1.11 -13.71
N GLY B 151 5.07 0.34 -14.80
CA GLY B 151 4.49 0.72 -16.05
C GLY B 151 2.98 0.56 -16.06
N ALA B 152 2.46 -0.46 -15.35
CA ALA B 152 1.01 -0.59 -15.27
C ALA B 152 0.47 0.60 -14.47
N ASN B 153 1.31 1.13 -13.59
CA ASN B 153 0.92 2.23 -12.67
C ASN B 153 0.80 3.56 -13.42
N ILE B 154 1.74 3.86 -14.33
CA ILE B 154 1.57 5.07 -15.13
C ILE B 154 0.44 4.85 -16.13
N LEU B 155 0.27 3.60 -16.53
CA LEU B 155 -0.77 3.31 -17.49
C LEU B 155 -2.12 3.51 -16.79
N ALA B 156 -2.27 2.96 -15.60
CA ALA B 156 -3.53 3.11 -14.93
C ALA B 156 -3.88 4.59 -14.75
N ASN B 157 -2.87 5.40 -14.42
CA ASN B 157 -3.16 6.81 -14.15
C ASN B 157 -3.67 7.54 -15.41
N VAL B 158 -3.11 7.19 -16.57
CA VAL B 158 -3.67 7.66 -17.86
C VAL B 158 -5.11 7.21 -18.05
N LEU B 159 -5.42 5.94 -17.76
CA LEU B 159 -6.82 5.49 -17.84
C LEU B 159 -7.71 6.33 -16.98
N ILE B 160 -7.16 6.82 -15.87
CA ILE B 160 -7.93 7.64 -14.90
C ILE B 160 -8.05 9.12 -15.35
N GLU B 161 -6.96 9.70 -15.84
CA GLU B 161 -6.91 11.14 -16.11
C GLU B 161 -7.37 11.45 -17.54
N GLN B 162 -7.17 10.49 -18.44
CA GLN B 162 -7.61 10.61 -19.83
C GLN B 162 -8.53 9.45 -20.11
N PRO B 163 -9.72 9.43 -19.51
CA PRO B 163 -10.48 8.18 -19.59
C PRO B 163 -10.79 7.70 -21.02
N GLU B 164 -10.84 8.62 -21.97
CA GLU B 164 -11.29 8.33 -23.33
C GLU B 164 -10.20 8.04 -24.37
N LEU B 165 -8.96 7.95 -23.93
CA LEU B 165 -7.88 7.68 -24.86
C LEU B 165 -7.76 6.18 -25.17
N PHE B 166 -7.49 5.37 -24.16
CA PHE B 166 -7.31 3.93 -24.32
C PHE B 166 -8.54 3.13 -24.60
N ASP B 167 -8.43 2.24 -25.57
CA ASP B 167 -9.51 1.38 -25.96
C ASP B 167 -9.36 0.09 -25.24
N ALA B 168 -8.12 -0.30 -25.00
CA ALA B 168 -7.82 -1.49 -24.21
C ALA B 168 -6.51 -1.31 -23.43
N ALA B 169 -6.39 -2.02 -22.31
CA ALA B 169 -5.21 -1.88 -21.47
C ALA B 169 -5.01 -3.13 -20.68
N VAL B 170 -3.77 -3.60 -20.58
CA VAL B 170 -3.59 -4.67 -19.59
C VAL B 170 -2.67 -4.21 -18.54
N LEU B 171 -3.09 -4.38 -17.29
CA LEU B 171 -2.28 -3.87 -16.19
C LEU B 171 -1.75 -5.06 -15.49
N HIS B 173 0.08 -6.42 -12.47
CA HIS B 173 0.57 -6.17 -11.15
C HIS B 173 0.66 -4.66 -10.92
N PRO B 174 -0.49 -3.96 -11.04
CA PRO B 174 -0.55 -2.53 -10.72
C PRO B 174 -0.56 -2.35 -9.22
N LEU B 175 -0.39 -1.11 -8.77
CA LEU B 175 -0.45 -0.72 -7.37
C LEU B 175 -0.96 0.69 -7.46
N ILE B 176 -2.22 0.91 -7.07
CA ILE B 176 -2.72 2.29 -6.98
C ILE B 176 -3.29 2.47 -5.59
N PRO B 177 -2.62 3.31 -4.80
CA PRO B 177 -2.76 3.68 -3.36
C PRO B 177 -3.79 4.70 -2.99
N PHE B 178 -4.24 5.46 -3.97
CA PHE B 178 -5.17 6.55 -3.70
C PHE B 178 -6.51 6.18 -4.34
N GLU B 179 -7.55 6.92 -4.02
CA GLU B 179 -8.86 6.64 -4.63
C GLU B 179 -9.08 7.56 -5.80
N PRO B 180 -9.07 7.00 -7.00
CA PRO B 180 -9.21 7.74 -8.24
C PRO B 180 -10.54 8.46 -8.29
N LYS B 181 -10.55 9.67 -8.84
CA LYS B 181 -11.82 10.38 -9.03
C LYS B 181 -12.35 9.85 -10.34
N ILE B 182 -13.52 9.24 -10.29
CA ILE B 182 -14.07 8.52 -11.44
C ILE B 182 -14.56 9.45 -12.55
N SER B 183 -14.28 9.09 -13.79
CA SER B 183 -14.71 9.88 -14.92
C SER B 183 -15.00 8.88 -16.04
N PRO B 184 -16.03 9.12 -16.86
CA PRO B 184 -16.48 8.08 -17.82
C PRO B 184 -15.50 7.78 -18.98
N ALA B 185 -15.25 6.49 -19.19
CA ALA B 185 -14.47 5.96 -20.33
C ALA B 185 -15.40 5.63 -21.50
N LYS B 186 -14.85 5.09 -22.58
CA LYS B 186 -15.69 4.70 -23.73
C LYS B 186 -16.26 3.34 -23.42
N PRO B 187 -17.56 3.12 -23.74
CA PRO B 187 -18.25 1.84 -23.52
C PRO B 187 -17.44 0.67 -24.05
N THR B 188 -16.65 0.90 -25.09
CA THR B 188 -15.91 -0.19 -25.68
C THR B 188 -14.60 -0.47 -24.96
N ARG B 189 -14.20 0.38 -24.01
CA ARG B 189 -12.97 0.09 -23.27
C ARG B 189 -12.99 -1.32 -22.69
N ARG B 190 -11.86 -1.97 -22.77
CA ARG B 190 -11.71 -3.24 -22.13
C ARG B 190 -10.45 -3.14 -21.33
N VAL B 191 -10.51 -3.48 -20.05
CA VAL B 191 -9.26 -3.67 -19.34
C VAL B 191 -9.06 -5.01 -18.67
N LEU B 192 -7.78 -5.42 -18.61
CA LEU B 192 -7.36 -6.65 -17.97
C LEU B 192 -6.31 -6.40 -16.91
N ILE B 193 -6.58 -6.85 -15.71
CA ILE B 193 -5.64 -6.75 -14.61
C ILE B 193 -5.19 -8.16 -14.27
N THR B 194 -3.90 -8.33 -14.07
CA THR B 194 -3.34 -9.60 -13.66
C THR B 194 -2.61 -9.36 -12.33
N ALA B 195 -2.81 -10.26 -11.38
CA ALA B 195 -2.33 -9.99 -10.03
C ALA B 195 -1.93 -11.25 -9.24
N GLY B 196 -1.16 -11.06 -8.18
CA GLY B 196 -0.80 -12.16 -7.32
C GLY B 196 -1.58 -12.00 -6.03
N GLU B 197 -2.00 -13.10 -5.44
CA GLU B 197 -2.62 -12.98 -4.12
C GLU B 197 -1.64 -12.75 -2.99
N ARG B 198 -0.36 -13.14 -3.13
CA ARG B 198 0.65 -12.89 -2.08
C ARG B 198 1.80 -11.98 -2.56
N ASP B 199 1.41 -10.97 -3.31
CA ASP B 199 2.31 -10.08 -3.93
C ASP B 199 2.65 -9.03 -2.92
N PRO B 200 3.92 -9.01 -2.50
CA PRO B 200 4.18 -8.17 -1.35
C PRO B 200 4.23 -6.68 -1.78
N ILE B 201 4.28 -6.43 -3.08
CA ILE B 201 4.31 -5.07 -3.60
C ILE B 201 2.88 -4.54 -3.85
N CYS B 202 1.92 -5.46 -3.92
CA CYS B 202 0.59 -5.13 -4.42
C CYS B 202 -0.40 -5.80 -3.56
N PRO B 203 -0.83 -5.11 -2.50
CA PRO B 203 -1.88 -5.63 -1.62
C PRO B 203 -3.13 -5.98 -2.41
N VAL B 204 -3.68 -7.16 -2.14
CA VAL B 204 -4.94 -7.61 -2.71
C VAL B 204 -6.07 -6.55 -2.80
N GLN B 205 -6.39 -5.93 -1.67
CA GLN B 205 -7.47 -4.99 -1.57
C GLN B 205 -7.23 -3.77 -2.43
N LEU B 206 -5.98 -3.36 -2.61
CA LEU B 206 -5.69 -2.23 -3.50
C LEU B 206 -5.93 -2.61 -4.97
N THR B 207 -5.57 -3.85 -5.33
CA THR B 207 -5.85 -4.37 -6.68
C THR B 207 -7.38 -4.41 -6.87
N LYS B 208 -8.07 -4.90 -5.85
CA LYS B 208 -9.49 -5.14 -5.90
C LYS B 208 -10.19 -3.79 -6.07
N ALA B 209 -9.74 -2.80 -5.30
CA ALA B 209 -10.26 -1.45 -5.36
C ALA B 209 -9.89 -0.78 -6.66
N LEU B 210 -8.72 -1.08 -7.20
CA LEU B 210 -8.40 -0.49 -8.50
C LEU B 210 -9.41 -1.01 -9.59
N GLU B 211 -9.73 -2.30 -9.51
CA GLU B 211 -10.68 -2.97 -10.40
C GLU B 211 -12.00 -2.26 -10.37
N GLU B 212 -12.47 -2.00 -9.16
CA GLU B 212 -13.77 -1.41 -8.99
C GLU B 212 -13.81 0.00 -9.48
N SER B 213 -12.71 0.74 -9.31
CA SER B 213 -12.63 2.11 -9.80
C SER B 213 -12.68 2.12 -11.32
N LEU B 214 -11.77 1.42 -11.94
CA LEU B 214 -11.85 1.25 -13.38
C LEU B 214 -13.24 0.79 -13.88
N LYS B 215 -13.83 -0.16 -13.17
CA LYS B 215 -15.12 -0.72 -13.57
C LYS B 215 -16.15 0.38 -13.55
N ALA B 216 -15.94 1.37 -12.69
CA ALA B 216 -16.93 2.43 -12.50
C ALA B 216 -16.89 3.40 -13.68
N GLN B 217 -15.76 3.46 -14.39
CA GLN B 217 -15.61 4.36 -15.51
C GLN B 217 -16.43 3.96 -16.71
N GLY B 218 -16.80 2.68 -16.73
CA GLY B 218 -17.48 2.06 -17.88
C GLY B 218 -16.56 1.05 -18.59
N GLY B 219 -17.12 0.30 -19.54
CA GLY B 219 -16.38 -0.72 -20.28
C GLY B 219 -16.23 -2.03 -19.54
N THR B 220 -15.39 -2.92 -20.06
CA THR B 220 -15.02 -4.14 -19.35
C THR B 220 -13.86 -3.93 -18.41
N VAL B 221 -13.85 -4.70 -17.32
CA VAL B 221 -12.68 -4.88 -16.47
C VAL B 221 -12.65 -6.31 -16.01
N GLU B 222 -11.51 -6.95 -16.15
CA GLU B 222 -11.40 -8.37 -15.84
C GLU B 222 -10.14 -8.55 -15.03
N THR B 223 -10.20 -9.24 -13.91
CA THR B 223 -8.99 -9.46 -13.14
C THR B 223 -8.68 -10.93 -13.16
N VAL B 224 -7.42 -11.29 -13.40
CA VAL B 224 -7.03 -12.68 -13.39
C VAL B 224 -5.96 -12.85 -12.33
N TRP B 225 -6.26 -13.66 -11.33
CA TRP B 225 -5.40 -13.83 -10.17
C TRP B 225 -4.53 -15.06 -10.29
N HIS B 226 -3.41 -15.09 -9.60
CA HIS B 226 -2.76 -16.37 -9.31
C HIS B 226 -2.38 -16.26 -7.86
N PRO B 227 -2.14 -17.42 -7.19
CA PRO B 227 -1.60 -17.35 -5.81
C PRO B 227 -0.20 -16.83 -6.05
N GLY B 228 0.68 -16.68 -5.09
CA GLY B 228 2.00 -16.20 -5.63
C GLY B 228 2.20 -14.68 -5.66
N GLY B 229 3.41 -14.26 -6.03
CA GLY B 229 3.90 -12.92 -5.72
C GLY B 229 3.86 -11.95 -6.87
N HIS B 230 4.96 -11.23 -7.05
CA HIS B 230 5.11 -10.17 -8.06
C HIS B 230 5.48 -10.69 -9.49
N GLU B 231 6.00 -11.90 -9.57
CA GLU B 231 6.22 -12.67 -10.82
C GLU B 231 5.02 -12.68 -11.75
N ILE B 232 5.32 -12.51 -13.04
CA ILE B 232 4.41 -12.82 -14.15
C ILE B 232 4.37 -14.33 -14.25
N ARG B 233 3.19 -14.93 -14.17
CA ARG B 233 3.03 -16.37 -14.39
C ARG B 233 2.57 -16.71 -15.81
N SER B 234 2.88 -17.94 -16.24
CA SER B 234 2.34 -18.51 -17.45
C SER B 234 0.90 -18.10 -17.72
N GLY B 235 0.05 -18.19 -16.69
CA GLY B 235 -1.38 -18.01 -16.85
C GLY B 235 -1.73 -16.60 -17.24
N GLU B 236 -0.97 -15.63 -16.71
CA GLU B 236 -1.09 -14.19 -17.07
C GLU B 236 -0.84 -13.99 -18.58
N ILE B 237 0.25 -14.55 -19.09
CA ILE B 237 0.53 -14.42 -20.51
C ILE B 237 -0.65 -14.96 -21.29
N ASP B 238 -1.12 -16.15 -20.92
CA ASP B 238 -2.28 -16.74 -21.56
C ASP B 238 -3.48 -15.84 -21.56
N ALA B 239 -3.83 -15.31 -20.39
CA ALA B 239 -4.91 -14.35 -20.29
C ALA B 239 -4.68 -13.16 -21.24
N VAL B 240 -3.45 -12.63 -21.26
CA VAL B 240 -3.12 -11.54 -22.16
C VAL B 240 -3.43 -11.98 -23.57
N ARG B 241 -2.82 -13.08 -24.01
CA ARG B 241 -3.03 -13.59 -25.35
C ARG B 241 -4.48 -13.69 -25.70
N GLY B 242 -5.28 -14.30 -24.81
CA GLY B 242 -6.73 -14.43 -25.01
C GLY B 242 -7.40 -13.06 -25.13
N PHE B 243 -7.00 -12.14 -24.26
CA PHE B 243 -7.61 -10.84 -24.17
C PHE B 243 -7.43 -10.01 -25.44
N LEU B 244 -6.20 -9.96 -25.94
CA LEU B 244 -5.87 -9.15 -27.08
C LEU B 244 -6.17 -9.82 -28.40
N ALA B 245 -6.69 -11.06 -28.38
CA ALA B 245 -7.10 -11.74 -29.63
C ALA B 245 -8.10 -10.82 -30.34
N ALA B 246 -9.08 -10.33 -29.59
CA ALA B 246 -10.04 -9.32 -30.07
C ALA B 246 -9.48 -8.26 -31.03
N TYR B 247 -8.20 -7.91 -30.93
CA TYR B 247 -7.64 -6.73 -31.62
C TYR B 247 -6.75 -7.04 -32.86
N GLY B 248 -6.37 -8.33 -33.04
CA GLY B 248 -5.48 -8.72 -34.14
C GLY B 248 -4.30 -9.61 -33.75
#